data_2W5A
#
_entry.id   2W5A
#
_cell.length_a   99.467
_cell.length_b   57.103
_cell.length_c   80.213
_cell.angle_alpha   90.00
_cell.angle_beta   132.99
_cell.angle_gamma   90.00
#
_symmetry.space_group_name_H-M   'C 1 2 1'
#
loop_
_entity.id
_entity.type
_entity.pdbx_description
1 polymer 'SERINE/THREONINE-PROTEIN KINASE NEK2'
2 non-polymer "ADENOSINE-5'-DIPHOSPHATE"
3 non-polymer 'MAGNESIUM ION'
4 non-polymer 1,2-ETHANEDIOL
5 water water
#
_entity_poly.entity_id   1
_entity_poly.type   'polypeptide(L)'
_entity_poly.pdbx_seq_one_letter_code
;MPSRAEDYEVLYTIGTGSYGRCQKIRRKSDGKILVWKELDYGSMTEAEKQMLVSEVNLLRELKHPNIVRYYDRIIDRTNT
TLYIVMEYCEGGDLASVITKGTKERQYLDEEFVLRVMTQLTLALKECHRRSDGGHTVLHRDLKPANVFLDGKQNVKLGDF
GLARILNHDTSFAKTFVGTPYYMSPEQMNRMSYNEKSDIWSLGCLLYELCALMPPFTAFSQKELAGKIREGKFRRIPYRY
SDELNEIITRMLNLKDYHRPSVEEILENPLILEHHHHHH
;
_entity_poly.pdbx_strand_id   A
#
# COMPACT_ATOMS: atom_id res chain seq x y z
N SER A 3 -24.72 7.08 -5.29
CA SER A 3 -24.35 8.07 -4.27
C SER A 3 -25.43 8.22 -3.19
N ARG A 4 -26.20 7.17 -3.00
CA ARG A 4 -27.10 7.07 -1.85
C ARG A 4 -26.82 5.76 -1.14
N ALA A 5 -26.90 5.77 0.18
CA ALA A 5 -26.67 4.56 0.97
C ALA A 5 -27.58 3.42 0.55
N GLU A 6 -28.82 3.76 0.16
CA GLU A 6 -29.80 2.73 -0.22
C GLU A 6 -29.47 2.06 -1.55
N ASP A 7 -28.46 2.57 -2.25
CA ASP A 7 -28.03 1.96 -3.50
C ASP A 7 -27.18 0.72 -3.26
N TYR A 8 -26.80 0.51 -2.00
CA TYR A 8 -25.91 -0.60 -1.64
C TYR A 8 -26.44 -1.34 -0.44
N GLU A 9 -26.06 -2.61 -0.32
CA GLU A 9 -26.39 -3.37 0.89
C GLU A 9 -25.11 -3.87 1.55
N VAL A 10 -24.94 -3.55 2.83
CA VAL A 10 -23.79 -4.05 3.59
C VAL A 10 -23.94 -5.55 3.79
N LEU A 11 -22.91 -6.29 3.44
CA LEU A 11 -22.90 -7.74 3.69
C LEU A 11 -22.29 -8.03 5.06
N TYR A 12 -21.10 -7.51 5.31
CA TYR A 12 -20.45 -7.68 6.61
C TYR A 12 -19.22 -6.81 6.71
N THR A 13 -18.70 -6.68 7.92
CA THR A 13 -17.52 -5.88 8.18
C THR A 13 -16.28 -6.74 7.94
N ILE A 14 -15.42 -6.28 7.04
CA ILE A 14 -14.18 -6.99 6.75
C ILE A 14 -13.19 -6.77 7.88
N GLY A 15 -13.05 -5.53 8.31
CA GLY A 15 -12.21 -5.21 9.43
C GLY A 15 -12.40 -3.79 9.89
N THR A 16 -11.95 -3.49 11.10
CA THR A 16 -11.98 -2.13 11.59
C THR A 16 -10.60 -1.48 11.48
N GLY A 17 -10.50 -0.46 10.64
CA GLY A 17 -9.27 0.29 10.47
C GLY A 17 -9.12 1.34 11.54
N SER A 18 -8.08 2.16 11.41
CA SER A 18 -7.79 3.19 12.40
C SER A 18 -8.85 4.28 12.43
N TYR A 19 -9.55 4.47 11.32
CA TYR A 19 -10.49 5.59 11.22
C TYR A 19 -11.92 5.17 10.96
N GLY A 20 -12.16 3.87 10.91
CA GLY A 20 -13.51 3.37 10.71
C GLY A 20 -13.52 1.99 10.12
N ARG A 21 -14.71 1.45 9.94
CA ARG A 21 -14.89 0.10 9.41
C ARG A 21 -14.72 0.06 7.90
N CYS A 22 -14.16 -1.05 7.42
CA CYS A 22 -14.19 -1.39 6.01
C CYS A 22 -15.20 -2.52 5.89
N GLN A 23 -16.23 -2.31 5.07
CA GLN A 23 -17.30 -3.29 4.95
C GLN A 23 -17.45 -3.78 3.52
N LYS A 24 -17.70 -5.07 3.37
CA LYS A 24 -18.05 -5.60 2.06
C LYS A 24 -19.49 -5.23 1.77
N ILE A 25 -19.73 -4.68 0.59
CA ILE A 25 -21.06 -4.25 0.19
C ILE A 25 -21.42 -4.78 -1.19
N ARG A 26 -22.71 -4.79 -1.48
N ARG A 26 -22.72 -4.83 -1.46
CA ARG A 26 -23.21 -5.24 -2.77
CA ARG A 26 -23.21 -5.22 -2.77
C ARG A 26 -24.05 -4.15 -3.45
C ARG A 26 -23.96 -4.04 -3.39
N ARG A 27 -23.61 -3.71 -4.62
CA ARG A 27 -24.30 -2.66 -5.37
C ARG A 27 -25.59 -3.24 -5.93
N LYS A 28 -26.72 -2.62 -5.61
CA LYS A 28 -28.02 -3.19 -5.95
C LYS A 28 -28.31 -3.21 -7.45
N SER A 29 -27.81 -2.20 -8.17
CA SER A 29 -28.11 -2.09 -9.60
C SER A 29 -27.68 -3.32 -10.38
N ASP A 30 -26.49 -3.85 -10.07
CA ASP A 30 -25.93 -4.96 -10.84
C ASP A 30 -25.37 -6.09 -9.99
N GLY A 31 -25.46 -5.95 -8.67
CA GLY A 31 -24.96 -6.96 -7.76
C GLY A 31 -23.45 -6.97 -7.57
N LYS A 32 -22.78 -5.93 -8.06
CA LYS A 32 -21.33 -5.88 -7.97
C LYS A 32 -20.86 -5.81 -6.53
N ILE A 33 -19.89 -6.66 -6.19
CA ILE A 33 -19.30 -6.66 -4.87
C ILE A 33 -18.19 -5.62 -4.78
N LEU A 34 -18.29 -4.75 -3.77
CA LEU A 34 -17.36 -3.65 -3.56
C LEU A 34 -17.08 -3.58 -2.06
N VAL A 35 -16.27 -2.61 -1.65
CA VAL A 35 -16.19 -2.29 -0.22
C VAL A 35 -16.53 -0.83 -0.05
N TRP A 36 -16.89 -0.45 1.17
CA TRP A 36 -16.80 0.97 1.51
C TRP A 36 -16.09 1.17 2.83
N LYS A 37 -15.53 2.36 3.00
CA LYS A 37 -14.82 2.71 4.21
C LYS A 37 -15.54 3.86 4.90
N GLU A 38 -15.78 3.70 6.19
CA GLU A 38 -16.49 4.71 6.98
C GLU A 38 -15.56 5.80 7.49
N LEU A 39 -16.00 7.04 7.34
N LEU A 39 -16.02 7.04 7.38
CA LEU A 39 -15.30 8.18 7.89
CA LEU A 39 -15.27 8.18 7.89
C LEU A 39 -16.31 9.03 8.64
C LEU A 39 -16.23 9.12 8.61
N ASP A 40 -16.04 9.27 9.92
CA ASP A 40 -16.90 10.16 10.70
C ASP A 40 -16.36 11.58 10.58
N TYR A 41 -17.13 12.46 9.97
CA TYR A 41 -16.69 13.84 9.78
C TYR A 41 -17.36 14.79 10.76
N GLY A 42 -18.04 14.23 11.75
CA GLY A 42 -18.83 15.01 12.69
C GLY A 42 -18.05 16.01 13.53
N SER A 43 -16.78 15.74 13.78
CA SER A 43 -15.96 16.62 14.61
C SER A 43 -15.09 17.54 13.77
N MET A 44 -15.25 17.49 12.46
CA MET A 44 -14.39 18.26 11.56
C MET A 44 -14.86 19.70 11.37
N THR A 45 -13.90 20.60 11.20
CA THR A 45 -14.19 21.98 10.85
C THR A 45 -14.45 22.08 9.36
N GLU A 46 -14.99 23.21 8.93
CA GLU A 46 -15.25 23.43 7.51
C GLU A 46 -13.96 23.31 6.70
N ALA A 47 -12.87 23.82 7.25
CA ALA A 47 -11.57 23.77 6.58
C ALA A 47 -11.10 22.32 6.40
N GLU A 48 -11.34 21.50 7.41
CA GLU A 48 -10.95 20.10 7.35
C GLU A 48 -11.80 19.35 6.33
N LYS A 49 -13.09 19.65 6.31
CA LYS A 49 -13.99 19.02 5.34
C LYS A 49 -13.64 19.44 3.91
N GLN A 50 -13.20 20.69 3.75
CA GLN A 50 -12.77 21.17 2.43
C GLN A 50 -11.53 20.40 1.95
N MET A 51 -10.61 20.13 2.88
CA MET A 51 -9.44 19.33 2.54
C MET A 51 -9.87 17.93 2.11
N LEU A 52 -10.83 17.38 2.84
N LEU A 52 -10.82 17.36 2.84
CA LEU A 52 -11.36 16.05 2.55
CA LEU A 52 -11.32 16.04 2.50
C LEU A 52 -11.94 15.98 1.13
C LEU A 52 -11.85 16.02 1.08
N VAL A 53 -12.66 17.03 0.75
CA VAL A 53 -13.25 17.12 -0.59
C VAL A 53 -12.16 17.10 -1.67
N SER A 54 -11.15 17.95 -1.50
N SER A 54 -11.15 17.95 -1.50
CA SER A 54 -10.05 18.02 -2.45
CA SER A 54 -10.05 18.02 -2.45
C SER A 54 -9.32 16.68 -2.55
C SER A 54 -9.29 16.70 -2.54
N GLU A 55 -9.17 16.00 -1.42
CA GLU A 55 -8.45 14.73 -1.38
C GLU A 55 -9.26 13.57 -1.97
N VAL A 56 -10.57 13.56 -1.77
CA VAL A 56 -11.41 12.55 -2.39
C VAL A 56 -11.35 12.69 -3.90
N ASN A 57 -11.36 13.94 -4.37
CA ASN A 57 -11.31 14.22 -5.80
C ASN A 57 -9.99 13.75 -6.43
N LEU A 58 -8.90 13.84 -5.67
CA LEU A 58 -7.60 13.38 -6.15
C LEU A 58 -7.58 11.86 -6.21
N LEU A 59 -8.22 11.24 -5.22
CA LEU A 59 -8.37 9.79 -5.18
C LEU A 59 -9.12 9.32 -6.42
N ARG A 60 -10.17 10.07 -6.79
CA ARG A 60 -10.99 9.71 -7.93
C ARG A 60 -10.21 9.78 -9.24
N GLU A 61 -9.16 10.60 -9.27
CA GLU A 61 -8.39 10.82 -10.49
C GLU A 61 -7.43 9.69 -10.81
N LEU A 62 -7.01 8.95 -9.79
CA LEU A 62 -6.07 7.84 -9.96
C LEU A 62 -6.75 6.57 -10.48
N LYS A 63 -6.70 6.36 -11.79
CA LYS A 63 -7.27 5.15 -12.38
C LYS A 63 -6.17 4.32 -13.02
N HIS A 64 -5.90 3.16 -12.44
CA HIS A 64 -4.79 2.34 -12.88
C HIS A 64 -5.06 0.91 -12.45
N PRO A 65 -4.69 -0.06 -13.29
CA PRO A 65 -5.01 -1.45 -12.93
C PRO A 65 -4.33 -1.92 -11.65
N ASN A 66 -3.27 -1.24 -11.24
CA ASN A 66 -2.51 -1.61 -10.05
C ASN A 66 -2.68 -0.66 -8.86
N ILE A 67 -3.74 0.14 -8.91
CA ILE A 67 -4.14 0.99 -7.79
C ILE A 67 -5.58 0.65 -7.46
N VAL A 68 -5.88 0.39 -6.17
CA VAL A 68 -7.25 0.07 -5.78
C VAL A 68 -8.17 1.18 -6.28
N ARG A 69 -9.21 0.76 -7.00
N ARG A 69 -9.21 0.78 -7.01
CA ARG A 69 -10.09 1.66 -7.74
CA ARG A 69 -10.03 1.72 -7.77
C ARG A 69 -11.10 2.38 -6.85
C ARG A 69 -11.16 2.36 -6.96
N TYR A 70 -11.25 3.69 -7.06
CA TYR A 70 -12.31 4.45 -6.39
C TYR A 70 -13.58 4.35 -7.22
N TYR A 71 -14.73 4.20 -6.55
CA TYR A 71 -16.03 4.10 -7.25
C TYR A 71 -17.02 5.20 -6.93
N ASP A 72 -17.15 5.57 -5.66
CA ASP A 72 -18.28 6.38 -5.25
C ASP A 72 -18.03 6.99 -3.88
N ARG A 73 -18.84 8.00 -3.54
N ARG A 73 -18.83 8.00 -3.53
CA ARG A 73 -18.80 8.61 -2.23
CA ARG A 73 -18.78 8.60 -2.21
C ARG A 73 -20.23 8.81 -1.76
C ARG A 73 -20.20 8.88 -1.74
N ILE A 74 -20.49 8.51 -0.50
CA ILE A 74 -21.84 8.64 0.03
C ILE A 74 -21.85 9.42 1.32
N ILE A 75 -22.76 10.38 1.41
CA ILE A 75 -22.94 11.15 2.64
C ILE A 75 -24.17 10.65 3.37
N ASP A 76 -23.97 10.22 4.61
CA ASP A 76 -25.08 9.94 5.51
C ASP A 76 -25.10 11.09 6.50
N ARG A 77 -25.74 12.19 6.11
CA ARG A 77 -25.75 13.40 6.92
C ARG A 77 -26.30 13.15 8.32
N THR A 78 -27.24 12.23 8.42
CA THR A 78 -27.90 11.92 9.69
C THR A 78 -26.93 11.40 10.74
N ASN A 79 -25.89 10.70 10.29
CA ASN A 79 -24.88 10.18 11.21
C ASN A 79 -23.50 10.77 10.91
N THR A 80 -23.50 11.88 10.18
CA THR A 80 -22.26 12.55 9.76
C THR A 80 -21.19 11.55 9.35
N THR A 81 -21.59 10.60 8.51
CA THR A 81 -20.66 9.59 8.02
C THR A 81 -20.46 9.72 6.51
N LEU A 82 -19.20 9.70 6.09
CA LEU A 82 -18.86 9.66 4.69
C LEU A 82 -18.39 8.24 4.36
N TYR A 83 -19.01 7.64 3.35
CA TYR A 83 -18.60 6.32 2.90
C TYR A 83 -17.89 6.43 1.57
N ILE A 84 -16.67 5.92 1.51
N ILE A 84 -16.66 5.94 1.51
CA ILE A 84 -15.91 5.89 0.26
CA ILE A 84 -15.93 5.88 0.26
C ILE A 84 -15.96 4.48 -0.32
C ILE A 84 -16.00 4.48 -0.29
N VAL A 85 -16.58 4.34 -1.48
CA VAL A 85 -16.78 3.04 -2.10
C VAL A 85 -15.60 2.71 -3.00
N MET A 86 -15.00 1.54 -2.81
N MET A 86 -15.01 1.53 -2.79
CA MET A 86 -13.85 1.16 -3.60
CA MET A 86 -13.80 1.13 -3.51
C MET A 86 -13.88 -0.29 -4.05
C MET A 86 -13.90 -0.29 -4.06
N GLU A 87 -12.97 -0.62 -4.95
CA GLU A 87 -12.80 -1.97 -5.44
C GLU A 87 -12.56 -2.95 -4.28
N TYR A 88 -13.21 -4.12 -4.33
CA TYR A 88 -12.97 -5.17 -3.35
C TYR A 88 -11.85 -6.08 -3.84
N CYS A 89 -10.88 -6.34 -2.96
CA CYS A 89 -9.74 -7.18 -3.29
C CYS A 89 -9.80 -8.49 -2.50
N GLU A 90 -10.29 -9.53 -3.15
CA GLU A 90 -10.61 -10.79 -2.46
C GLU A 90 -9.41 -11.51 -1.84
N GLY A 91 -8.21 -11.24 -2.35
CA GLY A 91 -7.02 -11.87 -1.84
C GLY A 91 -6.48 -11.24 -0.57
N GLY A 92 -7.08 -10.12 -0.17
CA GLY A 92 -6.66 -9.42 1.04
C GLY A 92 -5.32 -8.72 0.91
N ASP A 93 -4.71 -8.41 2.05
CA ASP A 93 -3.50 -7.60 2.08
C ASP A 93 -2.24 -8.44 2.18
N LEU A 94 -1.10 -7.84 1.87
CA LEU A 94 0.17 -8.56 1.89
C LEU A 94 0.73 -8.83 3.29
N ALA A 95 0.33 -8.02 4.28
CA ALA A 95 0.78 -8.27 5.64
C ALA A 95 0.23 -9.64 6.09
N SER A 96 -1.02 -9.91 5.74
CA SER A 96 -1.62 -11.21 6.05
C SER A 96 -0.93 -12.34 5.32
N VAL A 97 -0.51 -12.10 4.07
CA VAL A 97 0.22 -13.09 3.29
C VAL A 97 1.54 -13.45 3.96
N ILE A 98 2.23 -12.42 4.46
CA ILE A 98 3.52 -12.61 5.14
C ILE A 98 3.34 -13.39 6.43
N THR A 99 2.33 -13.02 7.21
CA THR A 99 2.01 -13.71 8.46
C THR A 99 1.70 -15.18 8.20
N LYS A 100 0.94 -15.44 7.14
CA LYS A 100 0.58 -16.80 6.76
C LYS A 100 1.83 -17.61 6.44
N GLY A 101 2.74 -17.01 5.69
CA GLY A 101 4.00 -17.65 5.35
C GLY A 101 4.78 -18.02 6.60
N THR A 102 4.81 -17.11 7.57
CA THR A 102 5.51 -17.34 8.82
C THR A 102 4.89 -18.48 9.62
N LYS A 103 3.57 -18.44 9.79
CA LYS A 103 2.88 -19.45 10.58
C LYS A 103 2.97 -20.84 9.95
N GLU A 104 2.71 -20.89 8.65
CA GLU A 104 2.70 -22.16 7.93
C GLU A 104 4.13 -22.57 7.53
N ARG A 105 5.10 -21.80 7.98
CA ARG A 105 6.52 -22.07 7.71
C ARG A 105 6.79 -22.34 6.23
N GLN A 106 6.24 -21.50 5.37
CA GLN A 106 6.37 -21.66 3.94
CA GLN A 106 6.38 -21.66 3.93
C GLN A 106 6.76 -20.34 3.26
N TYR A 107 7.94 -20.29 2.65
CA TYR A 107 8.35 -19.11 1.91
C TYR A 107 7.50 -18.95 0.65
N LEU A 108 7.37 -17.71 0.19
CA LEU A 108 6.55 -17.38 -0.97
C LEU A 108 7.31 -17.66 -2.27
N ASP A 109 6.59 -18.03 -3.33
CA ASP A 109 7.19 -18.30 -4.63
C ASP A 109 7.90 -17.07 -5.19
N GLU A 110 9.07 -17.26 -5.81
CA GLU A 110 9.74 -16.18 -6.50
C GLU A 110 8.81 -15.53 -7.54
N GLU A 111 8.00 -16.36 -8.20
CA GLU A 111 7.06 -15.83 -9.20
C GLU A 111 6.09 -14.82 -8.59
N PHE A 112 5.64 -15.09 -7.37
CA PHE A 112 4.77 -14.17 -6.67
C PHE A 112 5.50 -12.85 -6.35
N VAL A 113 6.73 -12.97 -5.86
CA VAL A 113 7.52 -11.77 -5.57
C VAL A 113 7.72 -10.93 -6.85
N LEU A 114 7.97 -11.59 -7.98
CA LEU A 114 8.12 -10.87 -9.25
C LEU A 114 6.82 -10.16 -9.68
N ARG A 115 5.68 -10.78 -9.42
CA ARG A 115 4.40 -10.12 -9.69
C ARG A 115 4.25 -8.84 -8.88
N VAL A 116 4.56 -8.93 -7.59
CA VAL A 116 4.47 -7.75 -6.73
C VAL A 116 5.44 -6.66 -7.18
N MET A 117 6.68 -7.04 -7.46
CA MET A 117 7.67 -6.07 -7.91
C MET A 117 7.21 -5.36 -9.19
N THR A 118 6.74 -6.14 -10.16
CA THR A 118 6.33 -5.58 -11.44
C THR A 118 5.13 -4.64 -11.27
N GLN A 119 4.09 -5.16 -10.62
CA GLN A 119 2.84 -4.45 -10.54
C GLN A 119 2.90 -3.22 -9.61
N LEU A 120 3.61 -3.34 -8.49
CA LEU A 120 3.77 -2.17 -7.63
C LEU A 120 4.69 -1.12 -8.24
N THR A 121 5.71 -1.55 -8.98
CA THR A 121 6.54 -0.57 -9.67
C THR A 121 5.69 0.26 -10.63
N LEU A 122 4.77 -0.41 -11.32
CA LEU A 122 3.86 0.30 -12.23
C LEU A 122 2.89 1.22 -11.50
N ALA A 123 2.40 0.78 -10.34
CA ALA A 123 1.57 1.65 -9.50
C ALA A 123 2.35 2.91 -9.12
N LEU A 124 3.60 2.72 -8.69
CA LEU A 124 4.45 3.86 -8.34
C LEU A 124 4.69 4.79 -9.52
N LYS A 125 4.95 4.22 -10.68
CA LYS A 125 5.13 5.00 -11.90
C LYS A 125 3.95 5.96 -12.11
N GLU A 126 2.74 5.44 -11.94
CA GLU A 126 1.54 6.26 -12.08
C GLU A 126 1.45 7.33 -10.98
N CYS A 127 1.77 6.96 -9.74
CA CYS A 127 1.79 7.93 -8.66
C CYS A 127 2.76 9.07 -8.95
N HIS A 128 3.93 8.73 -9.50
CA HIS A 128 4.95 9.73 -9.81
C HIS A 128 4.51 10.65 -10.95
N ARG A 129 3.81 10.07 -11.93
CA ARG A 129 3.32 10.85 -13.06
C ARG A 129 2.34 11.92 -12.57
N ARG A 130 1.46 11.53 -11.66
CA ARG A 130 0.44 12.43 -11.12
C ARG A 130 1.04 13.51 -10.22
N SER A 131 2.10 13.16 -9.50
CA SER A 131 2.77 14.12 -8.62
C SER A 131 3.43 15.23 -9.44
N LEU A 138 0.79 13.87 -3.26
CA LEU A 138 0.16 12.56 -3.42
C LEU A 138 0.72 11.56 -2.42
N HIS A 139 0.01 11.37 -1.31
CA HIS A 139 0.45 10.46 -0.26
C HIS A 139 0.31 9.01 -0.68
N ARG A 140 1.38 8.23 -0.51
CA ARG A 140 1.31 6.79 -0.71
C ARG A 140 2.06 6.04 0.40
N ASP A 141 1.62 4.83 0.69
CA ASP A 141 2.16 4.03 1.77
C ASP A 141 2.36 2.59 1.30
N LEU A 142 3.61 2.17 1.18
CA LEU A 142 3.95 0.87 0.60
CA LEU A 142 3.95 0.87 0.59
C LEU A 142 4.04 -0.27 1.60
N LYS A 143 3.60 -0.04 2.84
CA LYS A 143 3.66 -1.12 3.82
C LYS A 143 2.79 -2.28 3.33
N PRO A 144 3.14 -3.51 3.71
CA PRO A 144 2.41 -4.69 3.24
C PRO A 144 0.91 -4.61 3.52
N ALA A 145 0.52 -4.01 4.64
CA ALA A 145 -0.88 -3.93 5.01
C ALA A 145 -1.66 -3.05 4.05
N ASN A 146 -0.95 -2.28 3.22
CA ASN A 146 -1.63 -1.41 2.27
C ASN A 146 -1.45 -1.84 0.82
N VAL A 147 -1.08 -3.10 0.62
CA VAL A 147 -0.98 -3.66 -0.72
C VAL A 147 -1.90 -4.86 -0.79
N PHE A 148 -2.72 -4.92 -1.84
CA PHE A 148 -3.81 -5.88 -1.91
C PHE A 148 -3.74 -6.79 -3.13
N LEU A 149 -4.42 -7.92 -3.03
CA LEU A 149 -4.47 -8.90 -4.10
C LEU A 149 -5.93 -9.10 -4.49
N ASP A 150 -6.19 -9.12 -5.79
CA ASP A 150 -7.53 -9.50 -6.25
C ASP A 150 -7.55 -11.01 -6.48
N GLY A 151 -8.54 -11.49 -7.22
CA GLY A 151 -8.68 -12.92 -7.41
C GLY A 151 -8.03 -13.46 -8.67
N LYS A 152 -7.25 -12.61 -9.35
CA LYS A 152 -6.67 -12.97 -10.64
CA LYS A 152 -6.66 -12.99 -10.63
C LYS A 152 -5.15 -12.75 -10.67
N GLN A 153 -4.51 -12.85 -9.51
CA GLN A 153 -3.07 -12.62 -9.38
C GLN A 153 -2.64 -11.19 -9.63
N ASN A 154 -3.58 -10.25 -9.54
CA ASN A 154 -3.24 -8.85 -9.66
C ASN A 154 -2.97 -8.19 -8.32
N VAL A 155 -2.02 -7.26 -8.34
CA VAL A 155 -1.55 -6.60 -7.13
C VAL A 155 -1.91 -5.14 -7.21
N LYS A 156 -2.51 -4.61 -6.14
CA LYS A 156 -2.97 -3.23 -6.15
C LYS A 156 -2.50 -2.45 -4.93
N LEU A 157 -1.96 -1.26 -5.18
CA LEU A 157 -1.61 -0.34 -4.10
C LEU A 157 -2.88 0.26 -3.50
N GLY A 158 -3.02 0.13 -2.19
CA GLY A 158 -4.21 0.58 -1.51
C GLY A 158 -4.22 2.08 -1.29
N ASP A 159 -5.39 2.62 -0.97
CA ASP A 159 -5.53 4.04 -0.69
C ASP A 159 -4.71 4.41 0.53
N PHE A 160 -4.20 5.63 0.54
CA PHE A 160 -3.45 6.14 1.68
C PHE A 160 -4.32 6.24 2.94
N GLY A 161 -5.57 6.66 2.74
CA GLY A 161 -6.47 6.93 3.84
C GLY A 161 -6.78 8.42 3.92
N LEU A 162 -8.01 8.78 3.59
CA LEU A 162 -8.41 10.19 3.57
C LEU A 162 -8.17 10.86 4.91
N ALA A 163 -8.64 10.22 5.98
CA ALA A 163 -8.46 10.76 7.32
C ALA A 163 -6.99 10.83 7.69
N ARG A 164 -6.20 9.93 7.11
CA ARG A 164 -4.78 9.86 7.40
C ARG A 164 -4.02 11.05 6.81
N ILE A 165 -4.38 11.44 5.59
CA ILE A 165 -3.86 12.66 4.99
C ILE A 165 -4.25 13.85 5.86
N LEU A 166 -5.32 13.66 6.63
CA LEU A 166 -5.91 14.72 7.43
C LEU A 166 -5.21 14.83 8.78
N THR A 170 -5.96 9.84 16.34
CA THR A 170 -5.58 8.52 15.84
C THR A 170 -4.29 8.58 15.02
N SER A 171 -4.15 9.64 14.23
CA SER A 171 -2.94 9.82 13.43
C SER A 171 -1.70 10.05 14.30
N PHE A 172 -1.92 10.57 15.50
CA PHE A 172 -0.84 10.71 16.48
C PHE A 172 -0.50 9.37 17.11
N ALA A 173 -1.53 8.56 17.33
CA ALA A 173 -1.38 7.25 17.95
C ALA A 173 -0.38 6.34 17.22
N LYS A 174 -0.61 6.09 15.94
CA LYS A 174 0.26 5.18 15.20
C LYS A 174 1.44 5.84 14.49
N THR A 175 1.37 7.16 14.31
CA THR A 175 2.55 7.90 13.89
C THR A 175 3.57 7.79 15.02
N PHE A 176 3.05 7.67 16.24
CA PHE A 176 3.88 7.50 17.42
C PHE A 176 4.27 6.04 17.63
N VAL A 177 3.32 5.25 18.12
CA VAL A 177 3.60 3.87 18.52
C VAL A 177 4.34 3.03 17.48
N GLY A 178 3.90 3.09 16.23
CA GLY A 178 4.46 2.27 15.17
C GLY A 178 5.95 2.44 14.92
N THR A 179 6.59 1.36 14.47
CA THR A 179 8.01 1.40 14.10
C THR A 179 8.12 1.56 12.58
N PRO A 180 8.84 2.59 12.13
CA PRO A 180 8.92 2.97 10.71
C PRO A 180 9.91 2.10 9.93
N TYR A 181 9.61 0.82 9.79
CA TYR A 181 10.53 -0.13 9.17
C TYR A 181 11.00 0.24 7.76
N TYR A 182 10.16 0.93 6.99
CA TYR A 182 10.46 1.15 5.57
C TYR A 182 10.99 2.54 5.23
N MET A 183 11.27 3.35 6.25
N MET A 183 11.28 3.34 6.25
CA MET A 183 11.71 4.72 5.99
CA MET A 183 11.74 4.71 6.04
C MET A 183 13.15 4.81 5.50
C MET A 183 13.15 4.73 5.45
N SER A 184 13.33 5.50 4.38
CA SER A 184 14.63 5.61 3.74
C SER A 184 15.60 6.47 4.55
N PRO A 185 16.91 6.30 4.31
CA PRO A 185 17.91 7.08 5.04
C PRO A 185 17.71 8.58 4.87
N GLU A 186 17.39 9.02 3.66
CA GLU A 186 17.25 10.45 3.40
C GLU A 186 15.99 11.04 4.02
N GLN A 187 14.92 10.27 4.05
CA GLN A 187 13.69 10.73 4.68
C GLN A 187 13.86 10.78 6.19
N MET A 188 14.76 9.97 6.73
N MET A 188 14.73 9.91 6.70
CA MET A 188 15.04 10.00 8.16
CA MET A 188 15.15 9.96 8.10
C MET A 188 15.80 11.27 8.58
C MET A 188 15.62 11.37 8.42
N ASN A 189 16.62 11.81 7.67
CA ASN A 189 17.30 13.08 7.92
C ASN A 189 16.38 14.28 7.75
N ARG A 190 15.53 14.23 6.71
CA ARG A 190 14.58 15.31 6.46
C ARG A 190 13.59 14.94 5.35
N MET A 191 12.31 15.04 5.68
CA MET A 191 11.25 14.79 4.70
C MET A 191 11.20 15.90 3.66
N TYR A 193 10.13 15.68 -1.08
CA TYR A 193 9.76 14.78 -2.17
C TYR A 193 11.00 14.18 -2.84
N ASN A 194 11.00 12.86 -2.94
CA ASN A 194 12.10 12.14 -3.59
C ASN A 194 11.62 10.77 -4.05
N GLU A 195 11.43 10.62 -5.36
CA GLU A 195 10.88 9.38 -5.92
C GLU A 195 11.78 8.16 -5.64
N LYS A 196 13.07 8.37 -5.43
CA LYS A 196 13.95 7.26 -5.09
C LYS A 196 13.68 6.73 -3.69
N SER A 197 13.06 7.53 -2.84
CA SER A 197 12.67 7.07 -1.51
C SER A 197 11.59 5.99 -1.60
N ASP A 198 10.69 6.14 -2.57
CA ASP A 198 9.68 5.11 -2.83
C ASP A 198 10.33 3.80 -3.26
N ILE A 199 11.43 3.90 -4.00
CA ILE A 199 12.14 2.68 -4.44
C ILE A 199 12.75 1.94 -3.24
N TRP A 200 13.29 2.69 -2.28
CA TRP A 200 13.80 2.09 -1.05
C TRP A 200 12.67 1.35 -0.33
N SER A 201 11.52 2.01 -0.19
CA SER A 201 10.38 1.40 0.49
C SER A 201 9.90 0.14 -0.24
N LEU A 202 9.86 0.20 -1.56
CA LEU A 202 9.57 -0.99 -2.36
C LEU A 202 10.58 -2.10 -2.07
N GLY A 203 11.86 -1.75 -1.99
CA GLY A 203 12.89 -2.74 -1.66
C GLY A 203 12.62 -3.41 -0.33
N CYS A 204 12.24 -2.61 0.67
CA CYS A 204 11.92 -3.17 1.97
C CYS A 204 10.76 -4.16 1.90
N LEU A 205 9.72 -3.80 1.14
CA LEU A 205 8.56 -4.66 1.01
C LEU A 205 8.92 -5.98 0.34
N LEU A 206 9.62 -5.87 -0.79
CA LEU A 206 10.01 -7.08 -1.52
C LEU A 206 10.92 -7.95 -0.66
N TYR A 207 11.83 -7.31 0.06
CA TYR A 207 12.71 -8.04 0.96
C TYR A 207 11.88 -8.82 1.99
N GLU A 208 10.91 -8.15 2.59
CA GLU A 208 10.07 -8.79 3.60
C GLU A 208 9.24 -9.94 3.03
N LEU A 209 8.77 -9.78 1.79
CA LEU A 209 8.05 -10.88 1.12
C LEU A 209 8.93 -12.13 0.99
N CYS A 210 10.23 -11.92 0.77
CA CYS A 210 11.17 -13.03 0.62
C CYS A 210 11.62 -13.62 1.95
N ALA A 211 11.98 -12.74 2.88
CA ALA A 211 12.59 -13.16 4.15
C ALA A 211 11.56 -13.39 5.24
N LEU A 212 10.34 -12.89 5.03
CA LEU A 212 9.27 -12.89 6.03
C LEU A 212 9.63 -12.02 7.25
N MET A 213 10.62 -11.16 7.05
CA MET A 213 11.00 -10.14 8.04
C MET A 213 11.59 -8.95 7.27
N PRO A 214 11.46 -7.74 7.82
CA PRO A 214 12.03 -6.58 7.13
C PRO A 214 13.54 -6.58 7.22
N PRO A 215 14.20 -5.84 6.33
CA PRO A 215 15.67 -5.88 6.26
C PRO A 215 16.34 -5.30 7.50
N PHE A 216 15.69 -4.34 8.15
CA PHE A 216 16.22 -3.71 9.35
C PHE A 216 15.21 -3.85 10.47
N THR A 217 15.57 -4.59 11.52
CA THR A 217 14.66 -4.78 12.64
C THR A 217 15.24 -4.09 13.88
N ALA A 218 14.35 -3.69 14.79
CA ALA A 218 14.79 -3.05 16.01
C ALA A 218 13.62 -2.93 16.98
N PHE A 219 13.93 -2.68 18.24
CA PHE A 219 12.89 -2.53 19.26
C PHE A 219 12.65 -1.06 19.57
N SER A 220 13.52 -0.20 19.05
CA SER A 220 13.38 1.24 19.24
C SER A 220 13.74 1.97 17.96
N GLN A 221 13.29 3.22 17.87
N GLN A 221 13.32 3.23 17.85
CA GLN A 221 13.57 4.05 16.71
CA GLN A 221 13.60 3.99 16.64
C GLN A 221 15.05 4.34 16.56
C GLN A 221 15.05 4.45 16.54
N LYS A 222 15.71 4.63 17.68
CA LYS A 222 17.13 4.95 17.68
C LYS A 222 17.92 3.77 17.11
N GLU A 223 17.61 2.57 17.59
CA GLU A 223 18.27 1.36 17.11
C GLU A 223 18.03 1.14 15.62
N LEU A 224 16.77 1.32 15.21
CA LEU A 224 16.41 1.16 13.81
C LEU A 224 17.17 2.12 12.90
N ALA A 225 17.21 3.39 13.28
CA ALA A 225 17.90 4.40 12.48
C ALA A 225 19.38 4.06 12.33
N GLY A 226 19.98 3.55 13.40
CA GLY A 226 21.36 3.13 13.36
C GLY A 226 21.59 2.06 12.31
N LYS A 227 20.69 1.08 12.26
CA LYS A 227 20.80 -0.01 11.30
C LYS A 227 20.58 0.46 9.87
N ILE A 228 19.56 1.30 9.68
CA ILE A 228 19.24 1.84 8.36
C ILE A 228 20.43 2.61 7.80
N ARG A 229 21.04 3.45 8.62
CA ARG A 229 22.18 4.26 8.18
C ARG A 229 23.39 3.41 7.80
N GLU A 230 23.55 2.26 8.44
CA GLU A 230 24.64 1.35 8.12
C GLU A 230 24.39 0.60 6.80
N GLY A 231 23.12 0.39 6.46
CA GLY A 231 22.74 -0.18 5.18
C GLY A 231 23.07 -1.66 4.98
N LYS A 232 23.31 -2.39 6.07
CA LYS A 232 23.61 -3.81 5.99
C LYS A 232 22.42 -4.67 6.41
N PHE A 233 22.29 -5.84 5.79
CA PHE A 233 21.15 -6.73 6.01
C PHE A 233 21.52 -8.12 5.53
N ARG A 234 20.79 -9.14 5.99
CA ARG A 234 21.03 -10.50 5.55
C ARG A 234 20.62 -10.66 4.09
N ARG A 235 21.26 -11.56 3.37
CA ARG A 235 20.75 -11.91 2.05
C ARG A 235 19.35 -12.50 2.21
N ILE A 236 18.47 -12.24 1.25
CA ILE A 236 17.21 -12.98 1.21
C ILE A 236 17.53 -14.47 1.10
N PRO A 237 16.58 -15.33 1.47
CA PRO A 237 16.83 -16.78 1.45
C PRO A 237 17.36 -17.32 0.13
N TYR A 238 18.17 -18.36 0.21
CA TYR A 238 18.87 -18.90 -0.94
C TYR A 238 17.96 -19.53 -2.00
N ARG A 239 16.72 -19.80 -1.63
CA ARG A 239 15.75 -20.30 -2.59
C ARG A 239 15.48 -19.26 -3.67
N TYR A 240 15.78 -17.99 -3.37
CA TYR A 240 15.59 -16.90 -4.33
C TYR A 240 16.83 -16.65 -5.16
N SER A 241 16.61 -16.39 -6.43
CA SER A 241 17.70 -16.23 -7.39
C SER A 241 18.63 -15.08 -7.05
N ASP A 242 19.87 -15.21 -7.49
CA ASP A 242 20.84 -14.13 -7.39
C ASP A 242 20.34 -12.88 -8.11
N GLU A 243 19.60 -13.07 -9.20
CA GLU A 243 19.07 -11.93 -9.94
C GLU A 243 18.05 -11.13 -9.12
N LEU A 244 17.16 -11.85 -8.43
CA LEU A 244 16.18 -11.18 -7.57
C LEU A 244 16.89 -10.54 -6.37
N ASN A 245 17.82 -11.26 -5.77
CA ASN A 245 18.56 -10.66 -4.67
C ASN A 245 19.28 -9.39 -5.10
N GLU A 246 19.85 -9.42 -6.31
N GLU A 246 19.85 -9.40 -6.31
CA GLU A 246 20.58 -8.27 -6.82
CA GLU A 246 20.61 -8.24 -6.76
C GLU A 246 19.72 -7.02 -6.90
C GLU A 246 19.71 -7.00 -6.90
N ILE A 247 18.53 -7.15 -7.47
CA ILE A 247 17.68 -6.00 -7.70
C ILE A 247 17.12 -5.44 -6.38
N ILE A 248 16.69 -6.33 -5.47
CA ILE A 248 16.25 -5.87 -4.16
C ILE A 248 17.37 -5.14 -3.43
N THR A 249 18.58 -5.70 -3.48
CA THR A 249 19.73 -5.08 -2.84
C THR A 249 20.02 -3.70 -3.43
N ARG A 250 19.88 -3.56 -4.75
CA ARG A 250 20.06 -2.25 -5.39
C ARG A 250 19.04 -1.24 -4.89
N MET A 251 17.80 -1.68 -4.68
CA MET A 251 16.78 -0.79 -4.15
C MET A 251 17.10 -0.33 -2.74
N LEU A 252 17.90 -1.12 -2.02
CA LEU A 252 18.28 -0.80 -0.65
C LEU A 252 19.65 -0.13 -0.55
N ASN A 253 20.10 0.46 -1.65
CA ASN A 253 21.35 1.21 -1.62
C ASN A 253 21.20 2.47 -0.76
N LEU A 254 22.24 2.81 0.00
CA LEU A 254 22.21 4.01 0.84
C LEU A 254 22.08 5.30 0.02
N LYS A 255 22.63 5.29 -1.18
CA LYS A 255 22.58 6.43 -2.09
C LYS A 255 21.33 6.35 -2.96
N ASP A 256 20.47 7.35 -2.89
CA ASP A 256 19.26 7.34 -3.71
C ASP A 256 19.59 7.21 -5.19
N TYR A 257 20.69 7.83 -5.62
CA TYR A 257 21.04 7.82 -7.03
C TYR A 257 21.60 6.48 -7.53
N HIS A 258 21.90 5.55 -6.62
CA HIS A 258 22.31 4.21 -7.02
C HIS A 258 21.12 3.26 -7.11
N ARG A 259 20.00 3.63 -6.50
CA ARG A 259 18.81 2.79 -6.60
C ARG A 259 18.25 2.87 -8.00
N PRO A 260 17.66 1.76 -8.49
CA PRO A 260 17.13 1.81 -9.86
C PRO A 260 15.88 2.67 -9.96
N SER A 261 15.73 3.36 -11.08
CA SER A 261 14.48 4.06 -11.37
C SER A 261 13.38 3.05 -11.71
N VAL A 262 12.15 3.53 -11.77
CA VAL A 262 11.05 2.69 -12.23
C VAL A 262 11.39 2.07 -13.58
N GLU A 263 11.92 2.90 -14.49
CA GLU A 263 12.26 2.43 -15.82
C GLU A 263 13.32 1.32 -15.76
N GLU A 264 14.35 1.54 -14.95
CA GLU A 264 15.42 0.54 -14.80
C GLU A 264 14.93 -0.76 -14.18
N ILE A 265 14.00 -0.67 -13.23
CA ILE A 265 13.42 -1.89 -12.67
C ILE A 265 12.71 -2.69 -13.75
N LEU A 266 11.87 -2.02 -14.52
CA LEU A 266 11.03 -2.71 -15.50
C LEU A 266 11.82 -3.30 -16.66
N GLU A 267 13.04 -2.80 -16.87
CA GLU A 267 13.93 -3.33 -17.90
C GLU A 267 14.63 -4.61 -17.46
N ASN A 268 14.47 -4.97 -16.19
CA ASN A 268 15.18 -6.14 -15.66
C ASN A 268 14.71 -7.42 -16.37
N PRO A 269 15.67 -8.26 -16.79
CA PRO A 269 15.28 -9.48 -17.50
C PRO A 269 14.36 -10.42 -16.72
N LEU A 270 14.31 -10.28 -15.40
CA LEU A 270 13.38 -11.07 -14.58
C LEU A 270 11.91 -10.82 -14.93
N ILE A 271 11.62 -9.60 -15.37
CA ILE A 271 10.22 -9.16 -15.47
C ILE A 271 9.65 -9.45 -16.86
N LEU A 272 8.58 -10.25 -16.87
CA LEU A 272 7.98 -10.69 -18.11
C LEU A 272 6.50 -10.35 -18.16
N GLU A 273 5.88 -10.52 -19.33
CA GLU A 273 4.47 -10.15 -19.50
C GLU A 273 3.57 -10.76 -18.43
N HIS A 274 3.76 -12.05 -18.14
CA HIS A 274 2.87 -12.74 -17.21
C HIS A 274 2.93 -12.20 -15.77
N HIS A 275 3.98 -11.44 -15.45
CA HIS A 275 4.08 -10.83 -14.12
C HIS A 275 3.24 -9.57 -13.99
N HIS A 276 2.73 -9.08 -15.13
CA HIS A 276 1.88 -7.88 -15.16
C HIS A 276 0.42 -8.26 -14.88
N HIS A 277 -0.45 -7.26 -14.81
CA HIS A 277 -1.86 -7.52 -14.51
C HIS A 277 -2.55 -8.22 -15.67
N HIS A 278 -3.58 -9.00 -15.33
CA HIS A 278 -4.48 -9.60 -16.32
C HIS A 278 -5.86 -9.57 -15.72
N HIS A 279 -6.78 -8.86 -16.34
CA HIS A 279 -8.07 -8.71 -15.71
C HIS A 279 -9.15 -9.53 -16.41
#